data_5MXB
#
_entry.id   5MXB
#
_cell.length_a   74.469
_cell.length_b   74.469
_cell.length_c   67.110
_cell.angle_alpha   90.000
_cell.angle_beta   90.000
_cell.angle_gamma   120.000
#
_symmetry.space_group_name_H-M   'P 65'
#
loop_
_entity.id
_entity.type
_entity.pdbx_description
1 polymer 'Class 10 plant pathogenesis-related protein'
2 non-polymer 'UNKNOWN LIGAND'
3 non-polymer N-[2-(5-methoxy-1H-indol-3-yl)ethyl]acetamide
4 non-polymer 'SODIUM ION'
5 water water
#
_entity_poly.entity_id   1
_entity_poly.type   'polypeptide(L)'
_entity_poly.pdbx_seq_one_letter_code
;GVFTFQDEYTSTIAPAKLYKALVTDADIIIPKAVETIQSVEIVEGNGGPGTIKKLTFIEGGESKYVLHKIEAIDEANLGY
NYSIVGGVGLPDTIEKISFETKLVEGANGGSIGKVTIKIETKGDAQPNEEEGKAAKARGDAFFKAIESYLSAHPD
;
_entity_poly.pdbx_strand_id   A
#
# COMPACT_ATOMS: atom_id res chain seq x y z
N GLY A 1 17.57 -4.51 13.65
CA GLY A 1 17.53 -5.67 12.69
C GLY A 1 16.85 -5.27 11.39
N VAL A 2 16.98 -6.13 10.37
CA VAL A 2 16.37 -5.88 9.05
C VAL A 2 15.62 -7.15 8.66
N PHE A 3 14.35 -6.97 8.29
CA PHE A 3 13.43 -8.07 8.00
C PHE A 3 12.73 -7.77 6.71
N THR A 4 12.52 -8.81 5.90
N THR A 4 12.51 -8.76 5.87
CA THR A 4 11.82 -8.71 4.65
CA THR A 4 11.78 -8.50 4.67
C THR A 4 10.56 -9.61 4.67
C THR A 4 10.71 -9.58 4.47
N PHE A 5 9.56 -9.16 3.91
CA PHE A 5 8.39 -9.95 3.71
C PHE A 5 7.92 -9.74 2.29
N GLN A 6 7.25 -10.75 1.72
CA GLN A 6 6.67 -10.60 0.41
C GLN A 6 5.29 -11.18 0.36
N ASP A 7 4.49 -10.58 -0.52
CA ASP A 7 3.21 -11.15 -0.87
C ASP A 7 2.91 -10.88 -2.33
N GLU A 8 1.93 -11.63 -2.82
CA GLU A 8 1.55 -11.58 -4.22
C GLU A 8 0.05 -11.75 -4.31
N TYR A 9 -0.54 -11.04 -5.25
CA TYR A 9 -1.95 -11.11 -5.49
C TYR A 9 -2.19 -11.32 -6.99
N THR A 10 -3.21 -12.08 -7.30
CA THR A 10 -3.56 -12.32 -8.68
C THR A 10 -4.81 -11.57 -8.99
N SER A 11 -4.91 -11.10 -10.23
CA SER A 11 -6.15 -10.54 -10.72
C SER A 11 -6.36 -10.95 -12.18
N THR A 12 -7.62 -11.08 -12.55
CA THR A 12 -8.02 -11.18 -13.95
C THR A 12 -7.88 -9.87 -14.67
N ILE A 13 -7.73 -8.79 -13.90
CA ILE A 13 -7.62 -7.44 -14.46
C ILE A 13 -6.24 -7.15 -15.00
N ALA A 14 -6.19 -6.36 -16.07
CA ALA A 14 -4.94 -6.08 -16.75
C ALA A 14 -4.01 -5.16 -15.90
N PRO A 15 -2.69 -5.31 -16.04
CA PRO A 15 -1.83 -4.64 -15.08
C PRO A 15 -1.88 -3.14 -15.20
N ALA A 16 -1.87 -2.58 -16.41
CA ALA A 16 -1.87 -1.12 -16.52
C ALA A 16 -3.13 -0.51 -15.93
N LYS A 17 -4.27 -1.20 -15.97
CA LYS A 17 -5.50 -0.64 -15.46
C LYS A 17 -5.52 -0.73 -13.93
N LEU A 18 -5.03 -1.86 -13.39
CA LEU A 18 -4.85 -1.98 -11.93
C LEU A 18 -3.89 -0.88 -11.41
N TYR A 19 -2.79 -0.60 -12.10
CA TYR A 19 -1.82 0.39 -11.64
C TYR A 19 -2.45 1.76 -11.66
N LYS A 20 -3.25 2.07 -12.69
CA LYS A 20 -3.92 3.37 -12.69
C LYS A 20 -4.84 3.53 -11.46
N ALA A 21 -5.57 2.51 -11.05
CA ALA A 21 -6.41 2.58 -9.90
C ALA A 21 -5.62 2.73 -8.62
N LEU A 22 -4.57 1.93 -8.47
CA LEU A 22 -3.75 1.82 -7.24
C LEU A 22 -2.85 2.97 -6.99
N VAL A 23 -2.36 3.59 -8.09
CA VAL A 23 -1.36 4.64 -7.99
C VAL A 23 -1.82 5.95 -8.61
N THR A 24 -1.99 6.03 -9.94
CA THR A 24 -2.25 7.28 -10.60
C THR A 24 -3.48 7.98 -10.02
N ASP A 25 -4.52 7.20 -9.92
CA ASP A 25 -5.87 7.67 -9.52
C ASP A 25 -6.18 7.20 -8.12
N ALA A 26 -5.18 6.97 -7.33
CA ALA A 26 -5.36 6.45 -5.95
C ALA A 26 -6.13 7.41 -5.06
N ASP A 27 -5.95 8.69 -5.23
CA ASP A 27 -6.61 9.62 -4.33
C ASP A 27 -8.13 9.59 -4.46
N ILE A 28 -8.63 9.26 -5.63
CA ILE A 28 -10.06 9.07 -5.89
C ILE A 28 -10.53 7.65 -5.68
N ILE A 29 -9.83 6.66 -6.23
CA ILE A 29 -10.30 5.29 -6.26
C ILE A 29 -10.18 4.65 -4.88
N ILE A 30 -9.04 4.77 -4.21
CA ILE A 30 -8.85 4.05 -2.98
C ILE A 30 -9.98 4.33 -1.93
N PRO A 31 -10.32 5.59 -1.68
CA PRO A 31 -11.43 5.78 -0.71
C PRO A 31 -12.78 5.27 -1.22
N LYS A 32 -13.04 5.36 -2.50
CA LYS A 32 -14.25 4.68 -2.99
C LYS A 32 -14.31 3.16 -2.83
N ALA A 33 -13.22 2.49 -3.15
CA ALA A 33 -13.12 1.03 -3.24
C ALA A 33 -12.99 0.41 -1.86
N VAL A 34 -12.21 1.03 -1.00
CA VAL A 34 -11.85 0.40 0.26
C VAL A 34 -12.72 0.97 1.40
N GLU A 35 -13.58 0.12 1.97
N GLU A 35 -13.48 0.07 2.01
CA GLU A 35 -14.61 0.61 2.93
CA GLU A 35 -14.55 0.50 2.89
C GLU A 35 -14.10 0.98 4.33
C GLU A 35 -14.03 1.15 4.18
N THR A 36 -12.84 0.77 4.62
CA THR A 36 -12.21 1.22 5.86
C THR A 36 -11.34 2.47 5.64
N ILE A 37 -11.19 2.95 4.40
CA ILE A 37 -10.38 4.14 4.08
C ILE A 37 -11.31 5.27 3.72
N GLN A 38 -11.20 6.39 4.43
CA GLN A 38 -12.03 7.55 4.20
C GLN A 38 -11.52 8.54 3.19
N SER A 39 -10.20 8.68 3.15
CA SER A 39 -9.59 9.66 2.30
C SER A 39 -8.12 9.36 2.06
N VAL A 40 -7.63 9.78 0.89
CA VAL A 40 -6.22 9.75 0.54
C VAL A 40 -5.87 11.04 -0.15
N GLU A 41 -5.00 11.83 0.49
CA GLU A 41 -4.70 13.18 0.01
C GLU A 41 -3.21 13.49 0.02
N ILE A 42 -2.86 14.46 -0.79
CA ILE A 42 -1.48 14.93 -0.83
C ILE A 42 -1.34 16.00 0.23
N VAL A 43 -0.38 15.83 1.11
CA VAL A 43 -0.04 16.82 2.12
C VAL A 43 1.00 17.78 1.54
N GLU A 44 1.98 17.27 0.83
CA GLU A 44 2.98 18.08 0.16
C GLU A 44 3.61 17.40 -1.00
N GLY A 45 4.10 18.12 -1.98
CA GLY A 45 4.70 17.60 -3.17
C GLY A 45 3.79 17.60 -4.36
N ASN A 46 4.44 17.27 -5.47
N ASN A 46 4.27 17.28 -5.53
CA ASN A 46 3.94 17.35 -6.85
CA ASN A 46 3.40 17.37 -6.70
C ASN A 46 3.50 15.99 -7.43
C ASN A 46 3.01 16.00 -7.27
N GLY A 47 3.41 14.94 -6.58
CA GLY A 47 3.10 13.58 -7.02
C GLY A 47 4.34 12.75 -7.21
N GLY A 48 5.52 13.35 -7.41
CA GLY A 48 6.69 12.57 -7.65
C GLY A 48 7.38 12.16 -6.38
N PRO A 49 8.59 11.62 -6.46
CA PRO A 49 9.36 11.24 -5.33
C PRO A 49 9.44 12.35 -4.27
N GLY A 50 9.22 12.03 -2.99
CA GLY A 50 9.19 13.04 -1.98
C GLY A 50 7.83 13.46 -1.51
N THR A 51 6.81 13.26 -2.34
CA THR A 51 5.49 13.59 -2.05
C THR A 51 5.04 12.90 -0.78
N ILE A 52 4.33 13.58 0.12
CA ILE A 52 3.73 12.98 1.29
C ILE A 52 2.22 12.92 1.19
N LYS A 53 1.72 11.67 1.34
CA LYS A 53 0.33 11.39 1.27
C LYS A 53 -0.20 11.00 2.62
N LYS A 54 -1.43 11.46 2.94
CA LYS A 54 -2.07 11.11 4.17
C LYS A 54 -3.30 10.25 3.84
N LEU A 55 -3.31 9.07 4.43
CA LEU A 55 -4.36 8.05 4.26
C LEU A 55 -5.08 8.03 5.62
N THR A 56 -6.36 8.40 5.62
CA THR A 56 -7.21 8.39 6.80
C THR A 56 -8.14 7.17 6.75
N PHE A 57 -8.16 6.45 7.85
CA PHE A 57 -8.83 5.13 7.88
C PHE A 57 -9.43 4.91 9.24
N ILE A 58 -10.32 3.91 9.34
CA ILE A 58 -10.96 3.57 10.63
C ILE A 58 -10.42 2.20 11.04
N GLU A 59 -10.12 2.05 12.31
CA GLU A 59 -9.64 0.76 12.83
C GLU A 59 -10.10 0.62 14.22
N GLY A 60 -10.79 -0.48 14.56
CA GLY A 60 -11.30 -0.63 15.88
C GLY A 60 -12.27 0.46 16.25
N GLY A 61 -12.96 0.99 15.25
CA GLY A 61 -13.88 2.09 15.46
C GLY A 61 -13.32 3.47 15.56
N GLU A 62 -12.00 3.57 15.59
CA GLU A 62 -11.32 4.85 15.83
C GLU A 62 -10.73 5.39 14.50
N SER A 63 -10.90 6.71 14.24
CA SER A 63 -10.28 7.40 13.13
C SER A 63 -8.79 7.53 13.36
N LYS A 64 -7.99 7.06 12.41
CA LYS A 64 -6.51 7.14 12.42
C LYS A 64 -6.04 7.62 11.06
N TYR A 65 -4.78 8.02 10.98
CA TYR A 65 -4.17 8.24 9.70
C TYR A 65 -2.72 7.71 9.73
N VAL A 66 -2.22 7.50 8.52
CA VAL A 66 -0.85 7.20 8.24
C VAL A 66 -0.32 8.08 7.15
N LEU A 67 0.97 8.42 7.24
CA LEU A 67 1.65 9.22 6.22
C LEU A 67 2.60 8.35 5.40
N HIS A 68 2.47 8.46 4.08
CA HIS A 68 3.34 7.72 3.16
C HIS A 68 4.19 8.66 2.37
N LYS A 69 5.47 8.44 2.24
CA LYS A 69 6.38 9.23 1.44
C LYS A 69 6.64 8.42 0.17
N ILE A 70 6.39 9.03 -0.95
CA ILE A 70 6.65 8.39 -2.23
C ILE A 70 8.13 8.38 -2.41
N GLU A 71 8.69 7.17 -2.74
CA GLU A 71 10.09 7.01 -2.96
C GLU A 71 10.47 6.77 -4.40
N ALA A 72 9.60 6.10 -5.13
CA ALA A 72 9.77 5.93 -6.59
C ALA A 72 8.46 5.67 -7.23
N ILE A 73 8.25 6.24 -8.38
CA ILE A 73 7.07 6.05 -9.08
C ILE A 73 7.41 5.90 -10.58
N ASP A 74 7.11 4.74 -11.17
CA ASP A 74 7.55 4.44 -12.55
C ASP A 74 6.42 3.78 -13.25
N GLU A 75 5.55 4.55 -13.91
CA GLU A 75 4.36 4.05 -14.56
C GLU A 75 4.74 3.13 -15.73
N ALA A 76 5.81 3.45 -16.42
CA ALA A 76 6.18 2.65 -17.60
C ALA A 76 6.42 1.23 -17.19
N ASN A 77 7.01 1.07 -16.02
CA ASN A 77 7.36 -0.27 -15.52
C ASN A 77 6.42 -0.74 -14.39
N LEU A 78 5.33 -0.02 -14.20
CA LEU A 78 4.23 -0.42 -13.28
C LEU A 78 4.83 -0.60 -11.83
N GLY A 79 5.71 0.31 -11.43
CA GLY A 79 6.38 0.25 -10.14
C GLY A 79 6.05 1.45 -9.24
N TYR A 80 5.97 1.14 -7.95
CA TYR A 80 5.64 2.21 -6.95
C TYR A 80 6.21 1.77 -5.65
N ASN A 81 7.06 2.67 -5.07
CA ASN A 81 7.75 2.41 -3.84
C ASN A 81 7.40 3.57 -2.87
N TYR A 82 7.16 3.26 -1.60
CA TYR A 82 6.89 4.28 -0.59
C TYR A 82 7.29 3.78 0.77
N SER A 83 7.67 4.72 1.68
N SER A 83 7.14 4.68 1.74
CA SER A 83 7.89 4.37 3.10
CA SER A 83 7.43 4.31 3.04
C SER A 83 6.87 5.07 4.03
C SER A 83 6.43 4.91 3.96
N ILE A 84 6.49 4.44 5.17
CA ILE A 84 5.61 5.00 6.21
C ILE A 84 6.45 6.01 7.01
N VAL A 85 5.99 7.25 7.02
CA VAL A 85 6.76 8.31 7.70
C VAL A 85 6.01 8.95 8.83
N GLY A 86 4.87 8.45 9.24
CA GLY A 86 4.16 9.03 10.39
C GLY A 86 2.81 8.50 10.53
N GLY A 87 2.22 8.80 11.65
CA GLY A 87 0.84 8.48 11.84
C GLY A 87 0.48 8.59 13.29
N VAL A 88 -0.69 8.03 13.58
CA VAL A 88 -1.19 7.93 14.93
C VAL A 88 -0.58 6.78 15.69
N GLY A 89 -0.23 7.04 16.92
CA GLY A 89 0.39 6.10 17.84
C GLY A 89 1.90 6.14 17.74
N LEU A 90 2.51 5.02 18.14
CA LEU A 90 3.97 4.89 18.23
C LEU A 90 4.51 3.71 17.42
N PRO A 91 5.70 3.89 16.83
CA PRO A 91 6.29 2.74 16.13
C PRO A 91 6.77 1.68 17.11
N ASP A 92 6.99 2.08 18.38
CA ASP A 92 7.62 1.19 19.33
C ASP A 92 9.08 0.93 18.84
N THR A 93 9.38 -0.32 18.55
CA THR A 93 10.71 -0.73 18.14
C THR A 93 10.90 -0.72 16.59
N ILE A 94 9.89 -0.25 15.85
CA ILE A 94 9.98 -0.21 14.37
C ILE A 94 10.56 1.11 13.96
N GLU A 95 11.76 1.04 13.43
CA GLU A 95 12.48 2.21 12.96
C GLU A 95 11.96 2.68 11.64
N LYS A 96 11.65 1.73 10.73
CA LYS A 96 11.29 2.08 9.39
C LYS A 96 10.56 0.92 8.71
N ILE A 97 9.58 1.26 7.87
N ILE A 97 9.39 1.22 8.12
CA ILE A 97 8.88 0.28 7.05
CA ILE A 97 8.69 0.29 7.19
C ILE A 97 8.64 0.84 5.66
C ILE A 97 8.67 0.90 5.81
N SER A 98 9.28 0.21 4.71
N SER A 98 8.99 0.07 4.83
CA SER A 98 9.04 0.58 3.36
CA SER A 98 9.14 0.44 3.40
C SER A 98 8.45 -0.55 2.55
C SER A 98 8.55 -0.59 2.50
N PHE A 99 7.89 -0.12 1.44
CA PHE A 99 7.23 -0.99 0.47
C PHE A 99 7.75 -0.75 -0.93
N GLU A 100 7.94 -1.87 -1.65
CA GLU A 100 8.23 -1.88 -3.07
C GLU A 100 7.16 -2.69 -3.74
N THR A 101 6.50 -2.09 -4.70
CA THR A 101 5.40 -2.77 -5.42
C THR A 101 5.56 -2.72 -6.90
N LYS A 102 5.08 -3.80 -7.54
CA LYS A 102 5.16 -3.95 -8.99
C LYS A 102 3.93 -4.73 -9.45
N LEU A 103 3.43 -4.42 -10.62
CA LEU A 103 2.44 -5.23 -11.31
C LEU A 103 3.05 -5.75 -12.56
N VAL A 104 2.76 -7.03 -12.76
CA VAL A 104 3.21 -7.73 -14.00
C VAL A 104 2.07 -8.48 -14.63
N GLU A 105 2.29 -8.86 -15.90
CA GLU A 105 1.35 -9.68 -16.61
C GLU A 105 1.22 -11.07 -15.95
N GLY A 106 -0.04 -11.43 -15.70
CA GLY A 106 -0.47 -12.73 -15.15
C GLY A 106 -1.12 -13.65 -16.17
N ALA A 107 -2.12 -14.38 -15.70
CA ALA A 107 -2.77 -15.44 -16.47
C ALA A 107 -3.88 -14.83 -17.31
N ASN A 108 -3.93 -15.22 -18.59
CA ASN A 108 -4.99 -14.82 -19.49
C ASN A 108 -5.27 -13.31 -19.45
N GLY A 109 -4.22 -12.51 -19.54
CA GLY A 109 -4.36 -11.06 -19.80
C GLY A 109 -4.48 -10.32 -18.49
N GLY A 110 -4.35 -11.10 -17.43
CA GLY A 110 -4.48 -10.57 -16.09
C GLY A 110 -3.16 -10.12 -15.50
N SER A 111 -3.14 -10.05 -14.18
CA SER A 111 -2.00 -9.50 -13.51
C SER A 111 -1.50 -10.34 -12.33
N ILE A 112 -0.30 -10.02 -11.90
CA ILE A 112 0.11 -10.38 -10.56
C ILE A 112 0.66 -9.06 -9.93
N GLY A 113 0.18 -8.76 -8.72
CA GLY A 113 0.67 -7.61 -7.85
C GLY A 113 1.65 -8.15 -6.85
N LYS A 114 2.86 -7.62 -6.86
CA LYS A 114 3.93 -8.08 -6.00
C LYS A 114 4.36 -6.99 -5.04
N VAL A 115 4.39 -7.35 -3.76
CA VAL A 115 4.78 -6.39 -2.75
C VAL A 115 5.91 -6.95 -1.91
N THR A 116 6.94 -6.17 -1.78
CA THR A 116 8.06 -6.47 -0.85
C THR A 116 8.06 -5.45 0.27
N ILE A 117 8.08 -5.90 1.50
CA ILE A 117 8.00 -5.02 2.72
C ILE A 117 9.33 -5.19 3.37
N LYS A 118 9.92 -4.08 3.76
N LYS A 118 9.99 -4.07 3.64
CA LYS A 118 11.21 -4.05 4.44
CA LYS A 118 11.20 -4.06 4.44
C LYS A 118 11.07 -3.31 5.75
C LYS A 118 10.93 -3.38 5.76
N ILE A 119 11.31 -4.00 6.86
CA ILE A 119 11.13 -3.48 8.20
C ILE A 119 12.49 -3.42 8.88
N GLU A 120 12.83 -2.25 9.41
CA GLU A 120 14.05 -2.06 10.18
C GLU A 120 13.57 -1.88 11.62
N THR A 121 14.21 -2.59 12.55
CA THR A 121 13.90 -2.52 13.94
C THR A 121 15.14 -1.99 14.72
N LYS A 122 14.88 -1.65 15.97
CA LYS A 122 15.96 -1.29 16.93
C LYS A 122 16.65 -2.54 17.49
N GLY A 123 17.96 -2.62 17.22
CA GLY A 123 18.79 -3.65 17.81
C GLY A 123 18.21 -4.98 17.43
N ASP A 124 17.87 -5.79 18.45
CA ASP A 124 17.50 -7.17 18.21
C ASP A 124 15.99 -7.41 18.30
N ALA A 125 15.21 -6.33 18.27
CA ALA A 125 13.76 -6.40 18.33
C ALA A 125 13.27 -7.09 17.06
N GLN A 126 12.21 -7.86 17.19
CA GLN A 126 11.65 -8.57 16.05
C GLN A 126 10.35 -7.94 15.70
N PRO A 127 9.97 -7.98 14.43
CA PRO A 127 8.65 -7.42 14.11
C PRO A 127 7.50 -8.18 14.79
N ASN A 128 6.53 -7.45 15.35
CA ASN A 128 5.40 -8.07 16.06
C ASN A 128 4.53 -8.96 15.14
N GLU A 129 4.29 -10.19 15.56
CA GLU A 129 3.67 -11.20 14.69
C GLU A 129 2.16 -10.92 14.53
N GLU A 130 1.50 -10.51 15.62
CA GLU A 130 0.08 -10.18 15.52
C GLU A 130 -0.19 -8.99 14.58
N GLU A 131 0.64 -7.96 14.67
N GLU A 131 0.66 -7.98 14.67
CA GLU A 131 0.51 -6.84 13.75
CA GLU A 131 0.56 -6.84 13.81
C GLU A 131 0.86 -7.24 12.31
C GLU A 131 0.90 -7.20 12.35
N GLY A 132 1.84 -8.13 12.18
CA GLY A 132 2.14 -8.64 10.84
C GLY A 132 0.96 -9.35 10.20
N LYS A 133 0.32 -10.21 10.99
CA LYS A 133 -0.85 -10.94 10.51
C LYS A 133 -1.90 -9.95 10.06
N ALA A 134 -2.12 -8.92 10.90
CA ALA A 134 -3.15 -7.93 10.60
C ALA A 134 -2.83 -7.15 9.35
N ALA A 135 -1.54 -6.76 9.22
CA ALA A 135 -1.10 -6.09 8.02
C ALA A 135 -1.26 -6.88 6.78
N LYS A 136 -0.87 -8.18 6.84
CA LYS A 136 -1.00 -9.09 5.75
C LYS A 136 -2.46 -9.20 5.28
N ALA A 137 -3.37 -9.32 6.24
CA ALA A 137 -4.76 -9.41 5.91
C ALA A 137 -5.26 -8.13 5.27
N ARG A 138 -4.80 -7.02 5.81
CA ARG A 138 -5.21 -5.68 5.25
C ARG A 138 -4.79 -5.57 3.79
N GLY A 139 -3.60 -5.99 3.50
CA GLY A 139 -3.10 -5.99 2.14
C GLY A 139 -3.95 -6.79 1.21
N ASP A 140 -4.22 -8.03 1.61
CA ASP A 140 -5.17 -8.87 0.89
C ASP A 140 -6.50 -8.24 0.67
N ALA A 141 -7.09 -7.65 1.71
CA ALA A 141 -8.39 -7.03 1.59
C ALA A 141 -8.37 -5.81 0.68
N PHE A 142 -7.30 -5.08 0.74
CA PHE A 142 -7.10 -3.83 -0.03
C PHE A 142 -7.11 -4.20 -1.51
N PHE A 143 -6.24 -5.11 -1.88
CA PHE A 143 -6.13 -5.53 -3.29
C PHE A 143 -7.46 -6.10 -3.78
N LYS A 144 -8.11 -6.90 -2.96
CA LYS A 144 -9.42 -7.45 -3.29
C LYS A 144 -10.52 -6.41 -3.46
N ALA A 145 -10.59 -5.41 -2.58
CA ALA A 145 -11.54 -4.34 -2.73
C ALA A 145 -11.34 -3.55 -4.02
N ILE A 146 -10.09 -3.25 -4.34
CA ILE A 146 -9.79 -2.56 -5.60
C ILE A 146 -10.29 -3.40 -6.79
N GLU A 147 -10.05 -4.70 -6.75
CA GLU A 147 -10.53 -5.59 -7.87
C GLU A 147 -12.06 -5.57 -7.96
N SER A 148 -12.73 -5.75 -6.83
N SER A 148 -12.73 -5.71 -6.83
CA SER A 148 -14.21 -5.68 -6.78
CA SER A 148 -14.19 -5.69 -6.77
C SER A 148 -14.71 -4.39 -7.41
C SER A 148 -14.78 -4.40 -7.31
N TYR A 149 -14.16 -3.27 -6.97
CA TYR A 149 -14.61 -1.97 -7.40
C TYR A 149 -14.45 -1.77 -8.90
N LEU A 150 -13.31 -2.20 -9.43
CA LEU A 150 -13.03 -2.01 -10.84
C LEU A 150 -13.96 -2.90 -11.64
N SER A 151 -14.17 -4.12 -11.18
CA SER A 151 -15.10 -5.03 -11.87
C SER A 151 -16.53 -4.47 -11.93
N ALA A 152 -16.97 -3.91 -10.82
CA ALA A 152 -18.31 -3.35 -10.70
C ALA A 152 -18.42 -2.04 -11.46
N HIS A 153 -17.29 -1.54 -11.96
CA HIS A 153 -17.29 -0.32 -12.75
C HIS A 153 -16.51 -0.56 -14.05
N PRO A 154 -17.04 -1.41 -14.94
CA PRO A 154 -16.23 -1.68 -16.13
C PRO A 154 -15.73 -0.38 -16.76
N ASP A 155 -14.41 -0.15 -16.70
CA ASP A 155 -13.69 0.92 -17.44
C ASP A 155 -12.60 1.55 -16.58
#